data_2Z1U
#
_entry.id   2Z1U
#
_cell.length_a   67.628
_cell.length_b   67.628
_cell.length_c   184.218
_cell.angle_alpha   90.00
_cell.angle_beta   90.00
_cell.angle_gamma   120.00
#
_symmetry.space_group_name_H-M   'P 31 2 1'
#
loop_
_entity.id
_entity.type
_entity.pdbx_description
1 polymer 'Hydrogenase expression/formation protein HypE'
2 non-polymer 'MAGNESIUM ION'
3 non-polymer "ADENOSINE-5'-TRIPHOSPHATE"
4 water water
#
_entity_poly.entity_id   1
_entity_poly.type   'polypeptide(L)'
_entity_poly.pdbx_seq_one_letter_code
;GAMSGETLLLDYGSGGRASHRLISDLFLRHFDNPILGTLNDAARLDLTGPLAMSTDSYTVDPIFFPGGDIGTLAVHGTVN
DVSMLGARPRYLSCGFILEEGLDMDILERVVASMGKAAREAGVFIVTGDTKVVPRGACDKMFINTTGIGEILVDPAPSGD
RARPGDAILISGSMGDHGLTILSQRQGLNFAADVCSDSASLNRVVEKLVLEVGDIHVLRDPTRGGLATTLNEIAGQSQAV
CHVLETAVPVRESVRNGCSFLGLDPLYLANEGKLICILPEERAEAALAVLREGPHGEHAARIGSVKSVGELGAARAGQVV
METALGGHRLLSMLEGEQLPRIC
;
_entity_poly.pdbx_strand_id   A
#
loop_
_chem_comp.id
_chem_comp.type
_chem_comp.name
_chem_comp.formula
ATP non-polymer ADENOSINE-5'-TRIPHOSPHATE 'C10 H16 N5 O13 P3'
MG non-polymer 'MAGNESIUM ION' 'Mg 2'
#
# COMPACT_ATOMS: atom_id res chain seq x y z
N THR A 7 15.84 19.77 -18.27
CA THR A 7 17.05 18.88 -18.26
C THR A 7 16.74 17.49 -18.81
N LEU A 8 15.54 16.96 -18.52
CA LEU A 8 15.12 15.69 -19.15
C LEU A 8 14.61 15.93 -20.58
N LEU A 9 15.52 15.80 -21.53
CA LEU A 9 15.20 16.03 -22.94
C LEU A 9 14.39 14.89 -23.48
N LEU A 10 13.59 15.17 -24.51
CA LEU A 10 12.89 14.12 -25.25
C LEU A 10 13.83 12.99 -25.67
N ASP A 11 15.07 13.35 -26.02
CA ASP A 11 16.12 12.40 -26.41
C ASP A 11 16.23 11.16 -25.52
N TYR A 12 15.94 11.32 -24.22
CA TYR A 12 16.04 10.23 -23.26
C TYR A 12 14.94 9.17 -23.43
N GLY A 13 13.94 9.48 -24.25
CA GLY A 13 12.86 8.53 -24.55
C GLY A 13 12.84 7.98 -25.95
N SER A 14 13.86 8.32 -26.74
CA SER A 14 13.93 7.95 -28.16
C SER A 14 14.46 6.53 -28.38
N GLY A 15 15.10 5.97 -27.36
CA GLY A 15 15.66 4.63 -27.43
C GLY A 15 17.09 4.56 -27.96
N GLY A 16 17.73 5.71 -28.11
CA GLY A 16 19.09 5.83 -28.66
C GLY A 16 20.19 5.86 -27.61
N ARG A 17 21.30 6.54 -27.92
CA ARG A 17 22.48 6.54 -27.05
C ARG A 17 22.25 7.18 -25.66
N ALA A 18 21.56 8.32 -25.63
CA ALA A 18 21.21 8.99 -24.37
C ALA A 18 20.25 8.14 -23.50
N SER A 19 19.29 7.49 -24.16
CA SER A 19 18.40 6.53 -23.47
C SER A 19 19.21 5.48 -22.72
N HIS A 20 20.14 4.83 -23.42
CA HIS A 20 20.95 3.77 -22.85
C HIS A 20 21.85 4.30 -21.73
N ARG A 21 22.34 5.53 -21.88
CA ARG A 21 23.12 6.20 -20.83
C ARG A 21 22.31 6.42 -19.54
N LEU A 22 21.10 6.97 -19.68
CA LEU A 22 20.21 7.16 -18.53
C LEU A 22 19.99 5.83 -17.81
N ILE A 23 19.68 4.78 -18.58
CA ILE A 23 19.42 3.45 -18.02
C ILE A 23 20.64 2.92 -17.24
N SER A 24 21.82 2.92 -17.87
CA SER A 24 23.03 2.44 -17.17
C SER A 24 23.51 3.34 -16.04
N ASP A 25 23.56 4.65 -16.27
CA ASP A 25 24.20 5.56 -15.32
C ASP A 25 23.30 5.94 -14.15
N LEU A 26 21.98 5.83 -14.32
CA LEU A 26 21.07 6.19 -13.24
C LEU A 26 20.37 4.98 -12.64
N PHE A 27 19.54 4.32 -13.45
CA PHE A 27 18.67 3.25 -12.95
C PHE A 27 19.48 2.05 -12.46
N LEU A 28 20.36 1.50 -13.31
CA LEU A 28 21.22 0.38 -12.93
C LEU A 28 22.13 0.70 -11.75
N ARG A 29 22.60 1.94 -11.70
CA ARG A 29 23.49 2.36 -10.61
C ARG A 29 22.78 2.21 -9.28
N HIS A 30 21.56 2.73 -9.18
CA HIS A 30 20.79 2.69 -7.94
C HIS A 30 20.14 1.34 -7.63
N PHE A 31 19.75 0.59 -8.66
CA PHE A 31 19.05 -0.68 -8.48
C PHE A 31 20.02 -1.88 -8.40
N ASP A 32 21.26 -1.61 -8.81
CA ASP A 32 22.45 -2.50 -8.71
C ASP A 32 22.21 -3.97 -8.37
N ASN A 33 22.04 -4.78 -9.41
CA ASN A 33 21.98 -6.24 -9.27
C ASN A 33 22.25 -6.91 -10.62
N PRO A 34 22.76 -8.15 -10.61
CA PRO A 34 23.20 -8.77 -11.86
C PRO A 34 22.08 -9.30 -12.74
N ILE A 35 20.87 -9.39 -12.19
CA ILE A 35 19.69 -9.74 -12.99
C ILE A 35 19.31 -8.58 -13.90
N LEU A 36 19.06 -7.41 -13.33
CA LEU A 36 18.91 -6.16 -14.11
C LEU A 36 20.11 -5.86 -15.03
N GLY A 37 21.32 -6.07 -14.51
CA GLY A 37 22.57 -5.71 -15.22
C GLY A 37 22.68 -6.36 -16.59
N THR A 38 21.97 -7.46 -16.75
CA THR A 38 21.93 -8.19 -17.99
C THR A 38 21.46 -7.32 -19.20
N LEU A 39 20.56 -6.36 -18.93
CA LEU A 39 20.08 -5.40 -19.95
C LEU A 39 19.53 -6.10 -21.21
N ASN A 40 18.78 -7.18 -20.98
CA ASN A 40 18.12 -7.90 -22.06
C ASN A 40 16.66 -7.44 -22.16
N ASP A 41 15.92 -8.02 -23.11
CA ASP A 41 14.50 -7.68 -23.30
C ASP A 41 13.63 -8.15 -22.13
N ALA A 42 14.14 -9.08 -21.33
CA ALA A 42 13.46 -9.53 -20.12
C ALA A 42 14.48 -9.93 -19.09
N ALA A 43 14.05 -9.99 -17.84
CA ALA A 43 14.87 -10.49 -16.75
C ALA A 43 14.64 -11.99 -16.56
N ARG A 44 15.72 -12.72 -16.33
CA ARG A 44 15.65 -14.15 -15.98
C ARG A 44 15.52 -14.30 -14.48
N LEU A 45 14.49 -15.06 -14.08
CA LEU A 45 14.11 -15.23 -12.69
C LEU A 45 14.06 -16.71 -12.30
N ASP A 46 14.68 -17.06 -11.18
CA ASP A 46 14.55 -18.42 -10.65
C ASP A 46 13.61 -18.44 -9.47
N LEU A 47 12.36 -18.84 -9.68
CA LEU A 47 11.35 -18.78 -8.62
C LEU A 47 10.60 -20.09 -8.30
N THR A 48 10.22 -20.26 -7.02
CA THR A 48 9.51 -21.48 -6.59
C THR A 48 7.98 -21.45 -6.68
N GLY A 49 7.41 -21.92 -7.82
CA GLY A 49 6.14 -22.64 -7.92
C GLY A 49 4.94 -21.72 -7.87
N PRO A 50 4.12 -21.82 -6.76
CA PRO A 50 2.95 -20.97 -6.62
C PRO A 50 3.43 -19.55 -6.33
N LEU A 51 3.09 -18.63 -7.22
CA LEU A 51 3.59 -17.26 -7.14
C LEU A 51 2.44 -16.28 -7.00
N ALA A 52 2.75 -15.10 -6.46
CA ALA A 52 1.79 -14.01 -6.39
C ALA A 52 2.31 -12.84 -7.25
N MET A 53 1.42 -12.27 -8.08
CA MET A 53 1.78 -11.17 -8.98
C MET A 53 0.79 -10.00 -8.86
N SER A 54 1.31 -8.79 -8.73
CA SER A 54 0.49 -7.58 -8.61
C SER A 54 1.10 -6.42 -9.38
N THR A 55 0.26 -5.56 -9.96
CA THR A 55 0.77 -4.33 -10.56
C THR A 55 0.03 -3.10 -10.03
N ASP A 56 0.72 -1.96 -9.96
CA ASP A 56 0.09 -0.70 -9.58
C ASP A 56 0.81 0.45 -10.24
N SER A 57 0.06 1.44 -10.72
CA SER A 57 0.66 2.67 -11.17
C SER A 57 0.53 3.70 -10.06
N TYR A 58 1.48 4.63 -10.02
CA TYR A 58 1.57 5.62 -8.94
C TYR A 58 1.53 7.00 -9.57
N THR A 59 0.62 7.84 -9.07
CA THR A 59 0.26 9.09 -9.72
C THR A 59 0.21 10.22 -8.67
N VAL A 60 0.87 10.01 -7.54
CA VAL A 60 0.76 10.92 -6.39
C VAL A 60 1.18 12.35 -6.75
N ASP A 61 0.38 13.29 -6.27
CA ASP A 61 0.65 14.70 -6.43
C ASP A 61 0.46 15.34 -5.07
N PRO A 62 1.53 15.95 -4.49
CA PRO A 62 2.88 16.17 -5.05
C PRO A 62 3.77 14.93 -5.01
N ILE A 63 4.90 15.01 -5.71
CA ILE A 63 5.82 13.88 -5.84
C ILE A 63 6.54 13.63 -4.54
N PHE A 64 6.87 14.72 -3.84
CA PHE A 64 7.54 14.67 -2.54
C PHE A 64 6.62 15.21 -1.44
N PHE A 65 6.61 14.52 -0.29
CA PHE A 65 5.76 14.87 0.86
C PHE A 65 6.44 14.37 2.13
N PRO A 66 6.07 14.91 3.32
CA PRO A 66 6.61 14.34 4.56
C PRO A 66 6.41 12.83 4.64
N GLY A 67 7.51 12.09 4.86
CA GLY A 67 7.45 10.65 5.08
C GLY A 67 7.56 9.78 3.83
N GLY A 68 7.60 10.39 2.65
CA GLY A 68 7.81 9.60 1.45
C GLY A 68 7.87 10.37 0.17
N ASP A 69 7.77 9.63 -0.94
CA ASP A 69 7.66 10.20 -2.27
C ASP A 69 7.08 9.15 -3.21
N ILE A 70 6.90 9.51 -4.48
CA ILE A 70 6.36 8.56 -5.49
C ILE A 70 7.21 7.28 -5.64
N GLY A 71 8.52 7.39 -5.44
CA GLY A 71 9.41 6.24 -5.49
C GLY A 71 9.24 5.30 -4.31
N THR A 72 9.11 5.89 -3.14
CA THR A 72 8.84 5.15 -1.94
C THR A 72 7.47 4.42 -2.08
N LEU A 73 6.46 5.15 -2.56
CA LEU A 73 5.14 4.55 -2.82
C LEU A 73 5.21 3.41 -3.85
N ALA A 74 5.93 3.66 -4.95
CA ALA A 74 6.05 2.70 -6.04
C ALA A 74 6.63 1.33 -5.57
N VAL A 75 7.65 1.37 -4.72
CA VAL A 75 8.19 0.13 -4.15
C VAL A 75 7.32 -0.46 -3.02
N HIS A 76 7.07 0.31 -1.95
CA HIS A 76 6.31 -0.19 -0.80
C HIS A 76 4.93 -0.73 -1.16
N GLY A 77 4.20 0.02 -1.99
CA GLY A 77 2.79 -0.36 -2.31
C GLY A 77 2.74 -1.70 -3.01
N THR A 78 3.70 -1.95 -3.89
CA THR A 78 3.72 -3.16 -4.71
C THR A 78 4.30 -4.35 -3.92
N VAL A 79 5.35 -4.10 -3.15
CA VAL A 79 5.84 -5.05 -2.14
C VAL A 79 4.65 -5.46 -1.23
N ASN A 80 3.88 -4.47 -0.76
CA ASN A 80 2.72 -4.75 0.10
C ASN A 80 1.64 -5.58 -0.59
N ASP A 81 1.24 -5.21 -1.80
CA ASP A 81 0.19 -5.94 -2.51
C ASP A 81 0.53 -7.43 -2.71
N VAL A 82 1.75 -7.71 -3.16
CA VAL A 82 2.23 -9.09 -3.27
C VAL A 82 2.13 -9.81 -1.91
N SER A 83 2.55 -9.14 -0.84
CA SER A 83 2.46 -9.68 0.53
C SER A 83 1.05 -10.05 0.98
N MET A 84 0.05 -9.31 0.50
CA MET A 84 -1.36 -9.57 0.90
C MET A 84 -1.85 -10.97 0.54
N LEU A 85 -1.24 -11.60 -0.47
CA LEU A 85 -1.55 -12.99 -0.79
C LEU A 85 -0.69 -13.99 -0.02
N GLY A 86 -0.12 -13.55 1.11
CA GLY A 86 0.65 -14.45 1.96
C GLY A 86 1.89 -14.93 1.24
N ALA A 87 2.49 -14.04 0.45
CA ALA A 87 3.66 -14.35 -0.36
C ALA A 87 4.88 -13.53 0.06
N ARG A 88 6.06 -14.04 -0.28
CA ARG A 88 7.31 -13.36 -0.07
C ARG A 88 7.67 -12.66 -1.38
N PRO A 89 7.57 -11.30 -1.43
CA PRO A 89 7.97 -10.58 -2.64
C PRO A 89 9.47 -10.73 -2.87
N ARG A 90 9.85 -10.90 -4.14
CA ARG A 90 11.24 -11.14 -4.49
C ARG A 90 11.73 -10.10 -5.48
N TYR A 91 10.92 -9.85 -6.51
CA TYR A 91 11.37 -9.11 -7.71
C TYR A 91 10.35 -8.14 -8.20
N LEU A 92 10.80 -6.93 -8.52
CA LEU A 92 9.92 -5.89 -9.07
C LEU A 92 10.38 -5.50 -10.48
N SER A 93 9.44 -5.07 -11.30
CA SER A 93 9.74 -4.30 -12.49
C SER A 93 9.29 -2.85 -12.25
N CYS A 94 9.86 -1.91 -13.00
CA CYS A 94 9.42 -0.51 -12.95
C CYS A 94 9.28 0.08 -14.34
N GLY A 95 8.16 0.76 -14.57
CA GLY A 95 7.90 1.41 -15.84
C GLY A 95 7.73 2.88 -15.55
N PHE A 96 8.70 3.67 -15.97
CA PHE A 96 8.65 5.14 -15.81
C PHE A 96 7.96 5.78 -17.00
N ILE A 97 7.06 6.71 -16.72
CA ILE A 97 6.52 7.61 -17.74
C ILE A 97 6.89 9.04 -17.32
N LEU A 98 7.68 9.71 -18.16
CA LEU A 98 8.29 10.98 -17.76
C LEU A 98 7.97 12.10 -18.72
N GLU A 99 7.78 13.30 -18.15
CA GLU A 99 7.53 14.50 -18.94
C GLU A 99 8.85 15.15 -19.38
N GLU A 100 8.96 15.40 -20.69
CA GLU A 100 10.02 16.26 -21.24
C GLU A 100 10.13 17.53 -20.42
N GLY A 101 11.37 17.96 -20.14
CA GLY A 101 11.63 19.17 -19.37
C GLY A 101 11.81 18.94 -17.87
N LEU A 102 11.40 17.77 -17.40
CA LEU A 102 11.50 17.42 -15.98
C LEU A 102 12.90 17.65 -15.43
N ASP A 103 12.97 18.35 -14.29
CA ASP A 103 14.18 18.50 -13.48
C ASP A 103 14.77 17.11 -13.22
N MET A 104 16.01 16.90 -13.65
CA MET A 104 16.68 15.62 -13.55
C MET A 104 17.00 15.20 -12.12
N ASP A 105 17.17 16.18 -11.23
CA ASP A 105 17.41 15.85 -9.82
C ASP A 105 16.15 15.30 -9.14
N ILE A 106 14.99 15.70 -9.62
CA ILE A 106 13.72 15.09 -9.19
C ILE A 106 13.75 13.59 -9.50
N LEU A 107 14.09 13.25 -10.74
CA LEU A 107 14.21 11.86 -11.17
C LEU A 107 15.21 11.06 -10.33
N GLU A 108 16.41 11.61 -10.13
CA GLU A 108 17.45 10.95 -9.34
C GLU A 108 17.05 10.73 -7.87
N ARG A 109 16.42 11.72 -7.25
CA ARG A 109 15.90 11.57 -5.90
C ARG A 109 14.86 10.46 -5.80
N VAL A 110 13.98 10.37 -6.80
CA VAL A 110 12.93 9.35 -6.84
C VAL A 110 13.55 7.96 -7.05
N VAL A 111 14.49 7.87 -7.99
CA VAL A 111 15.23 6.64 -8.27
C VAL A 111 16.00 6.20 -7.01
N ALA A 112 16.71 7.13 -6.37
CA ALA A 112 17.39 6.86 -5.09
C ALA A 112 16.45 6.30 -4.01
N SER A 113 15.27 6.90 -3.86
CA SER A 113 14.23 6.39 -2.98
C SER A 113 13.83 4.95 -3.29
N MET A 114 13.61 4.64 -4.58
CA MET A 114 13.27 3.27 -4.99
C MET A 114 14.33 2.26 -4.64
N GLY A 115 15.60 2.58 -4.96
CA GLY A 115 16.74 1.72 -4.64
C GLY A 115 16.79 1.40 -3.17
N LYS A 116 16.73 2.43 -2.33
CA LYS A 116 16.74 2.31 -0.89
C LYS A 116 15.56 1.47 -0.34
N ALA A 117 14.36 1.72 -0.87
CA ALA A 117 13.18 1.00 -0.43
C ALA A 117 13.26 -0.48 -0.80
N ALA A 118 13.72 -0.78 -2.00
CA ALA A 118 13.86 -2.15 -2.46
C ALA A 118 14.90 -2.92 -1.60
N ARG A 119 16.03 -2.30 -1.30
CA ARG A 119 17.05 -2.89 -0.42
C ARG A 119 16.48 -3.22 0.94
N GLU A 120 15.74 -2.28 1.52
CA GLU A 120 15.15 -2.44 2.84
C GLU A 120 14.11 -3.54 2.87
N ALA A 121 13.35 -3.65 1.78
CA ALA A 121 12.38 -4.74 1.63
C ALA A 121 12.98 -6.10 1.25
N GLY A 122 14.27 -6.14 0.91
CA GLY A 122 14.91 -7.41 0.53
C GLY A 122 14.47 -7.87 -0.87
N VAL A 123 14.25 -6.89 -1.73
CA VAL A 123 13.69 -7.09 -3.05
C VAL A 123 14.65 -6.47 -4.10
N PHE A 124 14.66 -6.99 -5.32
CA PHE A 124 15.42 -6.35 -6.39
C PHE A 124 14.51 -5.85 -7.51
N ILE A 125 14.88 -4.70 -8.08
CA ILE A 125 14.25 -4.23 -9.31
C ILE A 125 15.02 -4.87 -10.46
N VAL A 126 14.35 -5.78 -11.16
CA VAL A 126 15.05 -6.68 -12.12
C VAL A 126 14.91 -6.30 -13.59
N THR A 127 13.95 -5.44 -13.91
CA THR A 127 13.64 -5.12 -15.31
C THR A 127 12.79 -3.84 -15.32
N GLY A 128 12.85 -3.11 -16.42
CA GLY A 128 12.27 -1.76 -16.45
C GLY A 128 11.93 -1.22 -17.82
N ASP A 129 11.33 -0.03 -17.79
CA ASP A 129 11.03 0.71 -19.01
C ASP A 129 11.04 2.18 -18.69
N THR A 130 11.37 3.00 -19.67
CA THR A 130 11.46 4.43 -19.52
C THR A 130 10.89 5.07 -20.78
N LYS A 131 9.75 5.73 -20.62
CA LYS A 131 9.12 6.46 -21.69
C LYS A 131 9.16 7.93 -21.30
N VAL A 132 9.59 8.78 -22.23
CA VAL A 132 9.56 10.23 -22.04
C VAL A 132 8.58 10.81 -23.05
N VAL A 133 7.55 11.50 -22.56
CA VAL A 133 6.54 12.10 -23.44
C VAL A 133 6.73 13.63 -23.56
N PRO A 134 6.29 14.25 -24.68
CA PRO A 134 6.44 15.72 -24.85
C PRO A 134 5.81 16.54 -23.73
N ARG A 135 6.29 17.79 -23.55
CA ARG A 135 5.77 18.69 -22.51
C ARG A 135 4.24 18.73 -22.54
N GLY A 136 3.61 18.54 -21.38
CA GLY A 136 2.17 18.60 -21.28
C GLY A 136 1.44 17.28 -21.45
N ALA A 137 2.11 16.28 -22.01
CA ALA A 137 1.49 14.97 -22.24
C ALA A 137 1.28 14.18 -20.94
N CYS A 138 2.04 14.51 -19.91
CA CYS A 138 1.80 14.00 -18.55
C CYS A 138 2.33 14.96 -17.50
N ASP A 139 1.77 14.90 -16.30
CA ASP A 139 2.20 15.77 -15.21
C ASP A 139 3.44 15.23 -14.51
N LYS A 140 4.60 15.59 -15.06
CA LYS A 140 5.94 15.29 -14.49
C LYS A 140 6.34 13.82 -14.55
N MET A 141 5.56 12.94 -13.90
CA MET A 141 6.03 11.56 -13.70
C MET A 141 4.99 10.63 -13.13
N PHE A 142 4.81 9.49 -13.81
CA PHE A 142 4.07 8.36 -13.26
C PHE A 142 5.00 7.17 -13.23
N ILE A 143 4.76 6.24 -12.30
CA ILE A 143 5.55 5.02 -12.23
C ILE A 143 4.59 3.85 -12.10
N ASN A 144 4.79 2.83 -12.91
CA ASN A 144 4.17 1.55 -12.64
C ASN A 144 5.20 0.60 -12.06
N THR A 145 4.80 -0.18 -11.06
CA THR A 145 5.64 -1.29 -10.61
C THR A 145 4.83 -2.58 -10.58
N THR A 146 5.48 -3.69 -10.93
CA THR A 146 4.84 -4.99 -10.85
C THR A 146 5.73 -5.85 -9.94
N GLY A 147 5.09 -6.61 -9.06
CA GLY A 147 5.81 -7.41 -8.11
C GLY A 147 5.52 -8.88 -8.33
N ILE A 148 6.54 -9.68 -8.08
CA ILE A 148 6.39 -11.12 -8.11
C ILE A 148 6.98 -11.72 -6.83
N GLY A 149 6.24 -12.63 -6.23
CA GLY A 149 6.66 -13.28 -5.00
C GLY A 149 6.26 -14.74 -4.91
N GLU A 150 6.86 -15.43 -3.95
CA GLU A 150 6.62 -16.85 -3.71
C GLU A 150 5.56 -17.00 -2.60
N ILE A 151 4.45 -17.69 -2.89
CA ILE A 151 3.43 -17.91 -1.88
C ILE A 151 3.96 -18.83 -0.78
N LEU A 152 3.71 -18.43 0.47
CA LEU A 152 4.30 -19.07 1.64
C LEU A 152 3.43 -20.12 2.30
N VAL A 153 2.12 -20.10 2.01
CA VAL A 153 1.18 -20.98 2.71
C VAL A 153 0.03 -21.44 1.82
N ASP A 154 -0.52 -22.61 2.15
CA ASP A 154 -1.74 -23.11 1.52
C ASP A 154 -2.67 -23.67 2.60
N PRO A 155 -3.91 -23.14 2.71
CA PRO A 155 -4.44 -22.03 1.89
C PRO A 155 -3.81 -20.67 2.25
N ALA A 156 -3.73 -19.79 1.26
CA ALA A 156 -3.16 -18.46 1.41
C ALA A 156 -4.27 -17.44 1.69
N PRO A 157 -3.92 -16.24 2.22
CA PRO A 157 -4.98 -15.26 2.48
C PRO A 157 -5.67 -14.80 1.18
N SER A 158 -6.96 -14.47 1.29
CA SER A 158 -7.79 -14.12 0.15
C SER A 158 -9.01 -13.34 0.65
N GLY A 159 -9.46 -12.36 -0.14
CA GLY A 159 -10.59 -11.51 0.23
C GLY A 159 -11.86 -12.27 0.56
N ASP A 160 -12.01 -13.47 -0.02
CA ASP A 160 -13.20 -14.30 0.16
C ASP A 160 -13.12 -15.30 1.33
N ARG A 161 -12.11 -15.16 2.18
CA ARG A 161 -11.88 -16.15 3.27
C ARG A 161 -12.22 -15.69 4.70
N ALA A 162 -12.78 -14.48 4.84
CA ALA A 162 -13.26 -14.03 6.14
C ALA A 162 -14.47 -14.87 6.53
N ARG A 163 -14.46 -15.41 7.75
CA ARG A 163 -15.52 -16.30 8.20
C ARG A 163 -16.06 -15.86 9.58
N PRO A 164 -17.34 -16.20 9.89
CA PRO A 164 -17.92 -15.88 11.20
C PRO A 164 -17.01 -16.20 12.39
N GLY A 165 -16.89 -15.26 13.31
CA GLY A 165 -16.04 -15.42 14.50
C GLY A 165 -14.61 -14.90 14.36
N ASP A 166 -14.21 -14.56 13.13
CA ASP A 166 -12.88 -13.98 12.86
C ASP A 166 -12.70 -12.63 13.54
N ALA A 167 -11.50 -12.39 14.07
CA ALA A 167 -11.15 -11.07 14.55
C ALA A 167 -10.69 -10.21 13.37
N ILE A 168 -10.93 -8.90 13.46
CA ILE A 168 -10.43 -7.96 12.45
C ILE A 168 -9.42 -7.11 13.16
N LEU A 169 -8.17 -7.20 12.68
CA LEU A 169 -7.06 -6.48 13.27
C LEU A 169 -6.55 -5.41 12.30
N ILE A 170 -6.11 -4.30 12.87
CA ILE A 170 -5.45 -3.25 12.10
C ILE A 170 -4.02 -3.13 12.59
N SER A 171 -3.11 -2.79 11.68
CA SER A 171 -1.66 -2.78 12.01
C SER A 171 -1.17 -1.43 12.52
N GLY A 172 -2.00 -0.41 12.38
CA GLY A 172 -1.66 0.93 12.87
C GLY A 172 -2.71 1.99 12.54
N SER A 173 -2.32 3.25 12.70
CA SER A 173 -3.22 4.41 12.62
C SER A 173 -3.78 4.66 11.22
N MET A 174 -4.99 5.23 11.16
CA MET A 174 -5.68 5.43 9.91
C MET A 174 -5.69 6.89 9.48
N GLY A 175 -5.49 7.13 8.19
CA GLY A 175 -5.73 8.46 7.61
C GLY A 175 -4.50 9.30 7.36
N ASP A 176 -3.35 8.88 7.90
CA ASP A 176 -2.11 9.66 7.88
C ASP A 176 -1.63 10.04 6.48
N HIS A 177 -1.47 9.05 5.60
CA HIS A 177 -1.03 9.32 4.24
C HIS A 177 -1.95 10.30 3.49
N GLY A 178 -3.24 9.97 3.46
CA GLY A 178 -4.23 10.79 2.76
C GLY A 178 -4.22 12.24 3.25
N LEU A 179 -4.21 12.43 4.56
CA LEU A 179 -4.16 13.77 5.14
C LEU A 179 -2.91 14.54 4.72
N THR A 180 -1.75 13.88 4.78
CA THR A 180 -0.51 14.60 4.46
C THR A 180 -0.39 15.07 3.03
N ILE A 181 -0.82 14.25 2.07
CA ILE A 181 -0.74 14.71 0.67
C ILE A 181 -1.76 15.83 0.40
N LEU A 182 -2.98 15.70 0.95
CA LEU A 182 -4.05 16.69 0.77
C LEU A 182 -3.73 18.02 1.44
N SER A 183 -3.06 17.97 2.60
CA SER A 183 -2.60 19.18 3.27
C SER A 183 -1.35 19.78 2.62
N GLN A 184 -0.43 18.93 2.15
CA GLN A 184 0.72 19.40 1.35
C GLN A 184 0.25 20.18 0.13
N ARG A 185 -0.74 19.62 -0.56
CA ARG A 185 -1.25 20.17 -1.81
C ARG A 185 -1.91 21.53 -1.64
N GLN A 186 -2.23 21.88 -0.39
CA GLN A 186 -2.81 23.19 -0.04
C GLN A 186 -1.84 24.04 0.79
N GLY A 187 -0.58 23.62 0.84
CA GLY A 187 0.46 24.33 1.59
C GLY A 187 0.28 24.38 3.09
N LEU A 188 -0.36 23.36 3.66
CA LEU A 188 -0.64 23.31 5.09
C LEU A 188 0.13 22.20 5.82
N ASN A 189 0.78 22.57 6.92
CA ASN A 189 1.37 21.62 7.86
C ASN A 189 0.62 21.70 9.19
N PHE A 190 -0.14 20.65 9.50
CA PHE A 190 -0.97 20.60 10.72
C PHE A 190 -0.14 20.33 11.98
N ALA A 191 0.73 19.33 11.89
CA ALA A 191 1.65 18.98 12.97
C ALA A 191 2.86 18.26 12.39
N ALA A 192 3.93 18.19 13.17
CA ALA A 192 5.09 17.38 12.81
C ALA A 192 4.65 15.92 12.74
N ASP A 193 3.61 15.63 13.53
CA ASP A 193 3.02 14.30 13.73
C ASP A 193 2.38 13.70 12.49
N VAL A 194 2.15 14.51 11.48
CA VAL A 194 1.36 14.11 10.32
C VAL A 194 2.23 13.93 9.09
N CYS A 195 2.48 12.67 8.75
CA CYS A 195 3.22 12.37 7.52
C CYS A 195 2.76 11.04 6.92
N SER A 196 3.19 10.78 5.69
CA SER A 196 2.92 9.52 5.04
C SER A 196 3.50 8.37 5.87
N ASP A 197 2.82 7.23 5.79
CA ASP A 197 3.21 6.02 6.49
C ASP A 197 3.85 5.03 5.53
N SER A 198 4.13 5.48 4.31
CA SER A 198 4.69 4.64 3.26
C SER A 198 5.77 3.73 3.86
N ALA A 199 5.49 2.43 3.88
CA ALA A 199 6.41 1.47 4.47
C ALA A 199 6.09 0.09 3.95
N SER A 200 7.11 -0.73 3.88
CA SER A 200 7.04 -2.12 3.46
C SER A 200 6.59 -3.03 4.58
N LEU A 201 5.60 -3.88 4.28
CA LEU A 201 4.98 -4.75 5.29
C LEU A 201 5.27 -6.23 5.07
N ASN A 202 6.16 -6.55 4.13
CA ASN A 202 6.48 -7.94 3.82
C ASN A 202 7.01 -8.76 5.01
N ARG A 203 7.84 -8.14 5.84
CA ARG A 203 8.44 -8.83 6.99
C ARG A 203 7.39 -9.16 8.07
N VAL A 204 6.49 -8.21 8.39
CA VAL A 204 5.38 -8.52 9.32
C VAL A 204 4.49 -9.64 8.77
N VAL A 205 4.17 -9.58 7.48
CA VAL A 205 3.32 -10.61 6.82
C VAL A 205 3.97 -11.99 6.86
N GLU A 206 5.27 -12.06 6.53
CA GLU A 206 5.97 -13.34 6.58
C GLU A 206 5.84 -13.98 7.98
N LYS A 207 6.08 -13.20 9.05
CA LYS A 207 5.99 -13.72 10.41
C LYS A 207 4.55 -14.11 10.77
N LEU A 208 3.58 -13.33 10.30
CA LEU A 208 2.17 -13.65 10.53
C LEU A 208 1.83 -15.02 9.94
N VAL A 209 2.19 -15.19 8.68
CA VAL A 209 1.78 -16.34 7.90
C VAL A 209 2.49 -17.64 8.35
N LEU A 210 3.79 -17.53 8.61
CA LEU A 210 4.62 -18.68 9.00
C LEU A 210 4.64 -19.02 10.49
N GLU A 211 4.49 -18.03 11.36
CA GLU A 211 4.60 -18.27 12.80
C GLU A 211 3.26 -18.24 13.54
N VAL A 212 2.35 -17.37 13.12
CA VAL A 212 1.02 -17.31 13.73
C VAL A 212 0.11 -18.33 13.04
N GLY A 213 0.04 -18.24 11.70
CA GLY A 213 -0.68 -19.19 10.87
C GLY A 213 -2.20 -19.02 10.83
N ASP A 214 -2.83 -19.69 9.85
CA ASP A 214 -4.28 -19.66 9.64
C ASP A 214 -4.80 -18.25 9.40
N ILE A 215 -4.02 -17.46 8.65
CA ILE A 215 -4.45 -16.12 8.26
C ILE A 215 -5.52 -16.23 7.17
N HIS A 216 -6.70 -15.67 7.42
CA HIS A 216 -7.77 -15.72 6.42
C HIS A 216 -7.67 -14.63 5.36
N VAL A 217 -7.54 -13.37 5.79
CA VAL A 217 -7.49 -12.22 4.87
C VAL A 217 -6.42 -11.20 5.25
N LEU A 218 -5.70 -10.71 4.24
CA LEU A 218 -4.83 -9.56 4.36
C LEU A 218 -5.22 -8.60 3.26
N ARG A 219 -5.31 -7.31 3.59
CA ARG A 219 -5.51 -6.27 2.57
C ARG A 219 -4.96 -4.95 3.06
N ASP A 220 -4.47 -4.12 2.13
CA ASP A 220 -3.95 -2.81 2.48
C ASP A 220 -5.00 -1.74 2.18
N PRO A 221 -5.44 -1.00 3.21
CA PRO A 221 -6.49 0.04 2.97
C PRO A 221 -5.93 1.28 2.29
N THR A 222 -5.76 1.19 0.97
CA THR A 222 -5.25 2.26 0.16
C THR A 222 -6.43 3.13 -0.32
N ARG A 223 -6.72 3.18 -1.61
CA ARG A 223 -7.79 4.07 -2.09
C ARG A 223 -9.11 3.64 -1.49
N GLY A 224 -9.87 4.61 -1.00
CA GLY A 224 -11.11 4.32 -0.30
C GLY A 224 -10.93 4.05 1.19
N GLY A 225 -9.70 3.77 1.62
CA GLY A 225 -9.40 3.64 3.05
C GLY A 225 -9.92 2.37 3.70
N LEU A 226 -9.92 2.35 5.03
CA LEU A 226 -10.38 1.21 5.80
C LEU A 226 -11.81 0.82 5.41
N ALA A 227 -12.67 1.81 5.32
CA ALA A 227 -14.09 1.54 5.08
C ALA A 227 -14.30 0.82 3.75
N THR A 228 -13.59 1.16 2.65
CA THR A 228 -13.99 0.48 1.45
C THR A 228 -13.17 -0.84 1.27
N THR A 229 -12.01 -1.09 1.97
CA THR A 229 -11.47 -2.47 2.00
C THR A 229 -12.29 -3.42 2.87
N LEU A 230 -12.88 -2.94 3.98
CA LEU A 230 -13.79 -3.80 4.76
C LEU A 230 -15.05 -4.17 3.96
N ASN A 231 -15.54 -3.25 3.14
CA ASN A 231 -16.70 -3.52 2.28
C ASN A 231 -16.35 -4.56 1.20
N GLU A 232 -15.13 -4.46 0.65
CA GLU A 232 -14.64 -5.42 -0.34
C GLU A 232 -14.60 -6.81 0.27
N ILE A 233 -13.99 -6.90 1.44
CA ILE A 233 -13.84 -8.18 2.12
C ILE A 233 -15.21 -8.73 2.53
N ALA A 234 -16.03 -7.91 3.18
CA ALA A 234 -17.39 -8.35 3.51
C ALA A 234 -18.14 -8.87 2.27
N GLY A 235 -18.03 -8.17 1.14
CA GLY A 235 -18.67 -8.58 -0.10
C GLY A 235 -18.12 -9.87 -0.70
N GLN A 236 -16.79 -9.99 -0.76
CA GLN A 236 -16.13 -11.20 -1.28
C GLN A 236 -16.40 -12.40 -0.37
N SER A 237 -16.45 -12.17 0.93
CA SER A 237 -16.68 -13.24 1.89
C SER A 237 -18.17 -13.46 2.18
N GLN A 238 -19.02 -12.60 1.63
CA GLN A 238 -20.47 -12.68 1.89
C GLN A 238 -20.79 -12.75 3.38
N ALA A 239 -20.23 -11.80 4.11
CA ALA A 239 -20.40 -11.72 5.56
C ALA A 239 -20.58 -10.27 5.91
N VAL A 240 -20.71 -9.98 7.19
CA VAL A 240 -20.79 -8.60 7.63
C VAL A 240 -19.66 -8.31 8.61
N CYS A 241 -18.98 -7.19 8.38
CA CYS A 241 -17.91 -6.78 9.27
C CYS A 241 -18.47 -5.82 10.31
N HIS A 242 -18.20 -6.13 11.58
CA HIS A 242 -18.61 -5.28 12.69
C HIS A 242 -17.36 -4.63 13.30
N VAL A 243 -17.35 -3.31 13.36
CA VAL A 243 -16.18 -2.55 13.78
C VAL A 243 -16.54 -1.60 14.92
N LEU A 244 -15.59 -1.37 15.84
CA LEU A 244 -15.83 -0.49 16.99
C LEU A 244 -15.10 0.83 16.78
N GLU A 245 -15.86 1.93 16.67
CA GLU A 245 -15.25 3.24 16.32
C GLU A 245 -14.05 3.63 17.22
N THR A 246 -14.24 3.46 18.52
CA THR A 246 -13.25 3.86 19.51
C THR A 246 -11.96 3.04 19.40
N ALA A 247 -12.06 1.84 18.80
CA ALA A 247 -10.92 0.92 18.66
C ALA A 247 -10.09 1.18 17.40
N VAL A 248 -10.65 1.92 16.44
CA VAL A 248 -9.90 2.29 15.23
C VAL A 248 -8.97 3.44 15.59
N PRO A 249 -7.62 3.21 15.49
CA PRO A 249 -6.68 4.24 15.88
C PRO A 249 -6.55 5.34 14.83
N VAL A 250 -6.67 6.59 15.28
CA VAL A 250 -6.52 7.76 14.42
C VAL A 250 -5.85 8.76 15.33
N ARG A 251 -4.67 9.25 14.93
CA ARG A 251 -3.89 10.20 15.74
C ARG A 251 -4.70 11.46 15.95
N GLU A 252 -4.62 12.04 17.15
CA GLU A 252 -5.32 13.29 17.47
C GLU A 252 -5.11 14.36 16.39
N SER A 253 -3.86 14.52 15.98
CA SER A 253 -3.45 15.47 14.95
C SER A 253 -4.07 15.16 13.58
N VAL A 254 -4.26 13.88 13.30
CA VAL A 254 -4.92 13.43 12.06
C VAL A 254 -6.45 13.68 12.15
N ARG A 255 -7.06 13.31 13.29
CA ARG A 255 -8.47 13.62 13.54
C ARG A 255 -8.75 15.11 13.35
N ASN A 256 -7.91 15.93 13.99
CA ASN A 256 -8.06 17.39 13.93
C ASN A 256 -7.82 17.97 12.53
N GLY A 257 -6.85 17.42 11.81
CA GLY A 257 -6.60 17.83 10.44
C GLY A 257 -7.74 17.40 9.53
N CYS A 258 -8.31 16.23 9.79
CA CYS A 258 -9.39 15.71 8.95
C CYS A 258 -10.68 16.51 9.12
N SER A 259 -10.96 16.94 10.35
CA SER A 259 -12.19 17.69 10.62
C SER A 259 -12.09 19.13 10.12
N PHE A 260 -10.88 19.69 10.14
CA PHE A 260 -10.59 21.02 9.60
C PHE A 260 -10.73 21.07 8.07
N LEU A 261 -10.48 19.94 7.41
CA LEU A 261 -10.56 19.83 5.94
C LEU A 261 -11.82 19.11 5.43
N GLY A 262 -12.70 18.73 6.36
CA GLY A 262 -13.95 18.02 6.02
C GLY A 262 -13.73 16.61 5.51
N LEU A 263 -12.63 15.98 5.94
CA LEU A 263 -12.26 14.64 5.51
C LEU A 263 -12.61 13.58 6.58
N ASP A 264 -12.84 12.35 6.13
CA ASP A 264 -13.14 11.23 7.02
C ASP A 264 -11.93 10.29 7.03
N PRO A 265 -11.23 10.16 8.18
CA PRO A 265 -10.02 9.34 8.25
C PRO A 265 -10.25 7.87 7.89
N LEU A 266 -11.50 7.40 8.01
CA LEU A 266 -11.82 6.02 7.66
C LEU A 266 -11.88 5.72 6.16
N TYR A 267 -11.87 6.77 5.35
CA TYR A 267 -11.95 6.66 3.89
C TYR A 267 -10.71 7.19 3.19
N LEU A 268 -9.73 7.65 3.96
CA LEU A 268 -8.48 8.20 3.40
C LEU A 268 -7.47 7.09 3.20
N ALA A 269 -6.76 7.18 2.07
CA ALA A 269 -5.79 6.18 1.67
C ALA A 269 -4.67 6.10 2.70
N ASN A 270 -4.27 4.86 3.00
CA ASN A 270 -3.08 4.59 3.81
C ASN A 270 -2.07 3.92 2.90
N GLU A 271 -0.78 4.03 3.24
CA GLU A 271 0.28 3.45 2.40
C GLU A 271 1.32 2.63 3.19
N GLY A 272 1.04 2.37 4.46
CA GLY A 272 1.94 1.56 5.29
C GLY A 272 1.18 0.75 6.32
N LYS A 273 -0.02 0.30 5.94
CA LYS A 273 -0.96 -0.32 6.89
C LYS A 273 -1.59 -1.58 6.28
N LEU A 274 -2.00 -2.52 7.12
CA LEU A 274 -2.79 -3.65 6.62
C LEU A 274 -3.93 -3.98 7.57
N ILE A 275 -4.93 -4.66 7.01
CA ILE A 275 -5.98 -5.31 7.77
C ILE A 275 -5.66 -6.80 7.79
N CYS A 276 -5.80 -7.41 8.96
CA CYS A 276 -5.57 -8.84 9.09
C CYS A 276 -6.80 -9.49 9.73
N ILE A 277 -7.36 -10.46 9.01
CA ILE A 277 -8.55 -11.18 9.49
C ILE A 277 -8.18 -12.65 9.63
N LEU A 278 -8.53 -13.25 10.78
CA LEU A 278 -8.11 -14.59 11.18
C LEU A 278 -8.97 -15.10 12.37
N PRO A 279 -9.05 -16.44 12.57
CA PRO A 279 -9.81 -16.97 13.70
C PRO A 279 -9.45 -16.36 15.05
N GLU A 280 -10.42 -16.30 15.94
CA GLU A 280 -10.28 -15.69 17.25
C GLU A 280 -9.09 -16.21 18.06
N GLU A 281 -8.81 -17.51 18.02
CA GLU A 281 -7.77 -18.08 18.90
C GLU A 281 -6.33 -17.75 18.49
N ARG A 282 -6.18 -17.21 17.28
CA ARG A 282 -4.90 -16.72 16.79
C ARG A 282 -4.77 -15.20 16.86
N ALA A 283 -5.85 -14.52 17.24
CA ALA A 283 -5.94 -13.05 17.17
C ALA A 283 -4.92 -12.34 18.03
N GLU A 284 -4.75 -12.84 19.25
CA GLU A 284 -3.81 -12.30 20.22
C GLU A 284 -2.36 -12.42 19.74
N ALA A 285 -1.97 -13.61 19.28
CA ALA A 285 -0.63 -13.82 18.71
C ALA A 285 -0.37 -12.93 17.48
N ALA A 286 -1.36 -12.81 16.58
CA ALA A 286 -1.22 -11.93 15.41
C ALA A 286 -1.02 -10.48 15.80
N LEU A 287 -1.81 -10.03 16.77
CA LEU A 287 -1.72 -8.68 17.31
C LEU A 287 -0.35 -8.42 17.93
N ALA A 288 0.21 -9.41 18.63
CA ALA A 288 1.56 -9.29 19.18
C ALA A 288 2.56 -9.05 18.06
N VAL A 289 2.39 -9.74 16.94
CA VAL A 289 3.27 -9.58 15.79
C VAL A 289 3.11 -8.20 15.14
N LEU A 290 1.87 -7.78 14.95
CA LEU A 290 1.53 -6.48 14.36
C LEU A 290 2.13 -5.35 15.19
N ARG A 291 2.15 -5.45 16.51
CA ARG A 291 2.75 -4.44 17.40
C ARG A 291 4.24 -4.19 17.12
N GLU A 292 4.91 -5.18 16.55
CA GLU A 292 6.34 -5.09 16.24
C GLU A 292 6.60 -4.72 14.79
N GLY A 293 5.53 -4.60 13.98
CA GLY A 293 5.65 -4.25 12.57
C GLY A 293 5.67 -2.74 12.36
N PRO A 294 5.85 -2.29 11.11
CA PRO A 294 5.90 -0.85 10.89
C PRO A 294 4.60 -0.21 11.42
N HIS A 295 4.74 0.95 12.10
CA HIS A 295 3.63 1.70 12.67
C HIS A 295 2.80 0.93 13.71
N GLY A 296 3.36 -0.18 14.19
CA GLY A 296 2.65 -1.06 15.10
C GLY A 296 2.38 -0.54 16.50
N GLU A 297 2.94 0.69 16.88
CA GLU A 297 2.52 1.29 18.13
C GLU A 297 1.01 1.21 18.32
N HIS A 298 0.31 1.28 17.20
CA HIS A 298 -1.13 1.47 17.24
C HIS A 298 -1.91 0.28 16.70
N ALA A 299 -1.22 -0.84 16.46
CA ALA A 299 -1.93 -2.07 16.07
C ALA A 299 -3.03 -2.37 17.07
N ALA A 300 -4.20 -2.80 16.58
CA ALA A 300 -5.36 -3.04 17.44
C ALA A 300 -6.38 -4.01 16.87
N ARG A 301 -7.07 -4.71 17.75
CA ARG A 301 -8.28 -5.41 17.37
C ARG A 301 -9.35 -4.32 17.13
N ILE A 302 -9.92 -4.28 15.93
CA ILE A 302 -10.96 -3.24 15.66
C ILE A 302 -12.39 -3.78 15.52
N GLY A 303 -12.54 -5.09 15.49
CA GLY A 303 -13.86 -5.67 15.27
C GLY A 303 -13.85 -7.15 15.00
N SER A 304 -14.93 -7.64 14.40
CA SER A 304 -15.09 -9.06 14.14
C SER A 304 -15.94 -9.33 12.89
N VAL A 305 -15.82 -10.54 12.36
CA VAL A 305 -16.67 -10.99 11.25
C VAL A 305 -17.85 -11.81 11.81
N LYS A 306 -19.04 -11.55 11.27
CA LYS A 306 -20.28 -12.22 11.71
C LYS A 306 -21.09 -12.68 10.51
N SER A 307 -21.86 -13.74 10.71
CA SER A 307 -22.77 -14.25 9.68
C SER A 307 -23.97 -13.31 9.52
N VAL A 308 -24.61 -13.36 8.35
CA VAL A 308 -25.78 -12.53 8.05
C VAL A 308 -26.90 -12.79 9.04
N GLY A 309 -27.42 -11.71 9.65
CA GLY A 309 -28.50 -11.81 10.62
C GLY A 309 -28.02 -12.11 12.02
N GLU A 310 -26.69 -12.09 12.22
CA GLU A 310 -26.12 -12.42 13.53
C GLU A 310 -26.26 -11.30 14.56
N LEU A 311 -26.17 -10.03 14.15
CA LEU A 311 -26.50 -8.95 15.11
C LEU A 311 -27.99 -8.51 15.27
N GLY A 312 -28.64 -7.95 14.24
CA GLY A 312 -28.09 -7.69 12.92
C GLY A 312 -29.14 -7.00 12.07
N ALA A 313 -29.46 -7.63 10.93
CA ALA A 313 -30.28 -7.06 9.84
C ALA A 313 -29.37 -6.54 8.73
N ALA A 314 -28.11 -6.26 9.07
CA ALA A 314 -27.10 -5.98 8.06
C ALA A 314 -27.00 -7.21 7.16
N ARG A 315 -26.94 -6.96 5.86
CA ARG A 315 -26.87 -8.01 4.86
C ARG A 315 -25.41 -8.37 4.54
N ALA A 316 -25.23 -9.42 3.73
CA ALA A 316 -23.93 -9.82 3.24
C ALA A 316 -23.30 -8.65 2.51
N GLY A 317 -22.03 -8.38 2.83
CA GLY A 317 -21.31 -7.29 2.20
C GLY A 317 -21.33 -5.96 2.94
N GLN A 318 -22.08 -5.87 4.04
CA GLN A 318 -22.20 -4.60 4.75
C GLN A 318 -21.20 -4.46 5.90
N VAL A 319 -20.84 -3.22 6.21
CA VAL A 319 -19.89 -2.94 7.27
C VAL A 319 -20.55 -2.01 8.27
N VAL A 320 -20.76 -2.51 9.49
CA VAL A 320 -21.38 -1.71 10.53
C VAL A 320 -20.49 -1.36 11.72
N MET A 321 -20.38 -0.07 11.98
CA MET A 321 -19.53 0.44 13.02
C MET A 321 -20.36 0.80 14.22
N GLU A 322 -20.04 0.19 15.37
CA GLU A 322 -20.59 0.67 16.62
C GLU A 322 -19.87 1.98 16.95
N THR A 323 -20.67 3.03 17.04
CA THR A 323 -20.23 4.41 17.15
C THR A 323 -19.73 4.72 18.59
N ALA A 324 -18.89 5.76 18.74
CA ALA A 324 -18.41 6.18 20.08
C ALA A 324 -19.52 6.69 20.98
N LEU A 325 -20.64 7.10 20.37
CA LEU A 325 -21.76 7.62 21.12
C LEU A 325 -22.72 6.53 21.61
N GLY A 326 -22.50 5.29 21.18
CA GLY A 326 -23.35 4.18 21.62
C GLY A 326 -24.40 3.74 20.59
N GLY A 327 -24.32 4.36 19.39
CA GLY A 327 -25.19 3.92 18.30
C GLY A 327 -24.45 3.20 17.20
N HIS A 328 -24.98 3.31 15.98
CA HIS A 328 -24.35 2.67 14.82
C HIS A 328 -24.28 3.56 13.58
N ARG A 329 -23.30 3.27 12.75
CA ARG A 329 -23.09 3.92 11.47
C ARG A 329 -22.74 2.86 10.44
N LEU A 330 -23.49 2.87 9.34
CA LEU A 330 -23.17 2.02 8.20
C LEU A 330 -22.02 2.67 7.43
N LEU A 331 -20.92 1.93 7.26
CA LEU A 331 -19.81 2.41 6.45
C LEU A 331 -19.94 1.89 5.03
N SER A 332 -20.56 2.67 4.14
CA SER A 332 -20.69 2.27 2.74
C SER A 332 -19.53 2.81 1.91
N MET A 333 -19.40 2.31 0.67
CA MET A 333 -18.42 2.79 -0.28
C MET A 333 -18.74 4.23 -0.76
N LEU A 334 -17.65 4.99 -1.12
CA LEU A 334 -17.56 6.46 -1.44
C LEU A 334 -18.68 6.94 -2.36
N GLU A 335 -18.24 7.93 -3.21
CA GLU A 335 -19.08 8.79 -4.09
C GLU A 335 -18.29 9.26 -5.31
N GLN A 338 -13.59 13.07 -6.40
CA GLN A 338 -13.39 12.80 -4.98
C GLN A 338 -12.07 13.38 -4.46
N LEU A 339 -11.09 12.48 -4.26
CA LEU A 339 -9.76 12.82 -3.71
C LEU A 339 -8.69 12.33 -4.69
N PRO A 340 -8.33 13.17 -5.68
CA PRO A 340 -7.53 12.67 -6.80
C PRO A 340 -6.05 12.57 -6.48
N ARG A 341 -5.40 11.59 -7.10
CA ARG A 341 -3.95 11.48 -7.07
C ARG A 341 -3.37 11.48 -5.64
N ILE A 342 -4.05 10.80 -4.73
CA ILE A 342 -3.55 10.62 -3.36
C ILE A 342 -2.46 9.52 -3.31
N CYS A 343 -2.36 8.75 -4.39
CA CYS A 343 -1.26 7.82 -4.61
C CYS A 343 -1.05 7.68 -6.11
MG MG B . -4.18 -1.03 -7.68
MG MG C . -3.98 -3.60 -2.03
PG ATP D . -5.01 0.51 -4.97
O1G ATP D . -4.70 0.55 -6.48
O2G ATP D . -6.13 1.44 -4.61
O3G ATP D . -3.78 0.66 -4.08
PB ATP D . -5.18 -2.39 -4.96
O1B ATP D . -4.04 -2.23 -5.99
O2B ATP D . -4.96 -3.31 -3.79
O3B ATP D . -5.64 -0.92 -4.55
PA ATP D . -7.15 -2.30 -7.03
O1A ATP D . -8.31 -1.46 -6.50
O2A ATP D . -6.20 -1.50 -7.88
O3A ATP D . -6.43 -3.04 -5.75
O5' ATP D . -7.65 -3.60 -7.76
C5' ATP D . -8.79 -4.34 -7.32
C4' ATP D . -8.85 -5.59 -8.16
O4' ATP D . -9.20 -5.17 -9.50
C3' ATP D . -7.52 -6.31 -8.27
O3' ATP D . -7.78 -7.73 -8.27
C2' ATP D . -6.96 -5.90 -9.63
O2' ATP D . -6.18 -6.97 -10.18
C1' ATP D . -8.22 -5.63 -10.46
N9 ATP D . -8.04 -4.55 -11.48
C8 ATP D . -7.99 -3.23 -11.26
N7 ATP D . -7.84 -2.57 -12.43
C5 ATP D . -7.75 -3.52 -13.39
C6 ATP D . -7.57 -3.53 -14.86
N6 ATP D . -7.42 -2.35 -15.52
N1 ATP D . -7.56 -4.70 -15.47
C2 ATP D . -7.70 -5.89 -14.85
N3 ATP D . -7.88 -5.94 -13.51
C4 ATP D . -7.92 -4.80 -12.77
#